data_3MPP
#
_entry.id   3MPP
#
_cell.length_a   57.630
_cell.length_b   90.161
_cell.length_c   91.894
_cell.angle_alpha   90.00
_cell.angle_beta   90.00
_cell.angle_gamma   90.00
#
_symmetry.space_group_name_H-M   'P 21 21 21'
#
loop_
_entity.id
_entity.type
_entity.pdbx_description
1 polymer 'Botulinum neurotoxin type G'
2 water water
#
_entity_poly.entity_id   1
_entity_poly.type   'polypeptide(L)'
_entity_poly.pdbx_seq_one_letter_code
;SNAILSLSYRGGRLIDSSGYGATMNVGSDVIFNDIGNGQFKLNNSENSNITAHQSKFVVYDSMFDNFSINFWVRTPKYNN
NDIQTYLQNEYTIISCIKNDSGWKVSIKGNRIIWTLIDVNAKSKSIFFEYSIKDNISDYINKWFSITITNDRLGNANIYI
NGSLKKSEKILNLDRINSSNDIDFKLINCTDTTKFVWIKDFNIFGRELNATEVEERYKIQSSTNTLKDFWGNPLRYDTQY
YLFNQGMQNIYIKYFSKASMGETAPRTNFNNAAINYQNLYLGLRFIIKKASNSRNINNDNIVREGDYIYLNIDNISDESY
RVYVLVNSKEIQTQLFLAPINDDPTFYDVLQIKKYYEKTTYNCQILCEKDTKTFGLFGIGKFVKDYGYVWDTYDNYFCIS
QWYLRRISENINKLRLGCNWQFIPVDEGWTELQ
;
_entity_poly.pdbx_strand_id   G
#
# COMPACT_ATOMS: atom_id res chain seq x y z
N SER A 1 16.73 8.25 -18.09
CA SER A 1 17.75 7.38 -18.66
C SER A 1 18.16 6.29 -17.68
N ASN A 2 19.41 6.36 -17.23
CA ASN A 2 19.95 5.37 -16.31
C ASN A 2 20.14 5.94 -14.91
N ALA A 3 19.79 5.16 -13.90
CA ALA A 3 19.88 5.61 -12.52
C ALA A 3 21.29 6.03 -12.13
N ILE A 4 21.43 7.28 -11.69
CA ILE A 4 22.67 7.79 -11.09
C ILE A 4 22.96 7.07 -9.78
N LEU A 5 21.91 6.70 -9.06
CA LEU A 5 22.04 6.09 -7.75
C LEU A 5 20.77 5.28 -7.47
N SER A 6 20.94 4.08 -6.94
CA SER A 6 19.79 3.26 -6.55
C SER A 6 20.12 2.46 -5.30
N LEU A 7 19.31 2.65 -4.26
CA LEU A 7 19.56 1.97 -3.00
C LEU A 7 18.88 0.60 -3.02
N SER A 8 19.65 -0.43 -2.71
CA SER A 8 19.08 -1.76 -2.54
C SER A 8 19.66 -2.37 -1.28
N TYR A 9 18.84 -3.10 -0.56
CA TYR A 9 19.26 -3.85 0.61
C TYR A 9 19.45 -5.30 0.19
N ARG A 10 20.70 -5.65 -0.16
N ARG A 10 20.69 -5.67 -0.16
CA ARG A 10 21.02 -6.99 -0.65
CA ARG A 10 20.97 -7.02 -0.66
C ARG A 10 21.84 -7.78 0.36
C ARG A 10 21.84 -7.80 0.32
N GLY A 11 21.30 -8.91 0.82
CA GLY A 11 22.03 -9.81 1.69
C GLY A 11 22.67 -9.18 2.92
N GLY A 12 21.85 -8.48 3.70
CA GLY A 12 22.31 -7.93 4.97
C GLY A 12 22.94 -6.57 4.86
N ARG A 13 23.16 -6.09 3.63
CA ARG A 13 23.81 -4.81 3.45
C ARG A 13 23.05 -3.86 2.51
N LEU A 14 23.10 -2.58 2.82
CA LEU A 14 22.58 -1.54 1.94
C LEU A 14 23.66 -1.13 0.93
N ILE A 15 23.36 -1.31 -0.35
CA ILE A 15 24.34 -1.01 -1.40
C ILE A 15 23.78 -0.05 -2.43
N ASP A 16 24.65 0.40 -3.32
CA ASP A 16 24.25 1.18 -4.48
C ASP A 16 24.19 0.26 -5.69
N SER A 17 22.99 -0.07 -6.15
CA SER A 17 22.80 -0.94 -7.30
C SER A 17 23.07 -0.20 -8.60
N SER A 18 23.31 1.10 -8.49
CA SER A 18 23.54 1.97 -9.64
C SER A 18 24.76 1.51 -10.44
N GLY A 19 25.78 1.05 -9.73
CA GLY A 19 27.04 0.72 -10.36
C GLY A 19 27.94 1.93 -10.38
N TYR A 20 27.48 3.01 -9.74
CA TYR A 20 28.28 4.22 -9.61
C TYR A 20 29.07 4.24 -8.30
N GLY A 21 28.94 3.16 -7.53
CA GLY A 21 29.79 2.95 -6.38
C GLY A 21 29.61 3.89 -5.21
N ALA A 22 28.41 4.43 -5.05
CA ALA A 22 28.15 5.27 -3.90
C ALA A 22 28.46 4.47 -2.64
N THR A 23 29.01 5.14 -1.63
CA THR A 23 29.33 4.48 -0.37
C THR A 23 28.26 4.81 0.68
N MET A 24 27.80 3.79 1.41
CA MET A 24 26.69 3.97 2.35
C MET A 24 27.12 3.95 3.81
N ASN A 25 26.72 4.96 4.57
CA ASN A 25 26.91 4.97 6.02
CA ASN A 25 26.90 4.94 6.01
C ASN A 25 25.54 4.86 6.70
N VAL A 26 25.39 3.87 7.59
CA VAL A 26 24.10 3.59 8.21
C VAL A 26 24.16 3.64 9.74
N GLY A 27 23.31 4.47 10.33
CA GLY A 27 23.25 4.59 11.77
C GLY A 27 22.75 3.31 12.40
N SER A 28 22.83 3.23 13.72
CA SER A 28 22.43 2.03 14.44
C SER A 28 20.92 1.94 14.71
N ASP A 29 20.19 3.03 14.46
CA ASP A 29 18.75 3.07 14.74
C ASP A 29 17.90 3.03 13.46
N VAL A 30 18.41 2.37 12.43
CA VAL A 30 17.64 2.14 11.20
C VAL A 30 17.17 0.68 11.17
N ILE A 31 15.92 0.47 10.79
CA ILE A 31 15.40 -0.88 10.64
C ILE A 31 15.29 -1.24 9.16
N PHE A 32 15.70 -2.45 8.83
CA PHE A 32 15.67 -2.91 7.45
C PHE A 32 14.83 -4.17 7.39
N ASN A 33 14.24 -4.42 6.23
CA ASN A 33 13.78 -5.76 5.91
C ASN A 33 14.15 -6.06 4.47
N ASP A 34 14.14 -7.34 4.11
CA ASP A 34 14.54 -7.75 2.76
C ASP A 34 13.38 -8.00 1.80
N ILE A 35 12.22 -7.39 2.07
CA ILE A 35 11.09 -7.49 1.15
C ILE A 35 11.45 -6.74 -0.13
N GLY A 36 11.27 -7.37 -1.28
CA GLY A 36 11.70 -6.72 -2.52
C GLY A 36 13.20 -6.52 -2.46
N ASN A 37 13.67 -5.27 -2.49
CA ASN A 37 15.11 -5.10 -2.44
C ASN A 37 15.72 -3.84 -1.82
N GLY A 38 15.37 -3.46 -0.59
CA GLY A 38 14.28 -4.01 0.21
C GLY A 38 13.59 -2.77 0.79
N GLN A 39 13.47 -2.68 2.12
CA GLN A 39 12.78 -1.53 2.73
C GLN A 39 13.53 -1.03 3.95
N PHE A 40 13.51 0.28 4.21
CA PHE A 40 14.07 0.79 5.46
C PHE A 40 13.18 1.78 6.19
N LYS A 41 13.32 1.78 7.52
CA LYS A 41 12.50 2.62 8.38
C LYS A 41 13.39 3.63 9.11
N LEU A 42 13.07 4.90 8.95
CA LEU A 42 13.71 5.98 9.72
C LEU A 42 12.87 6.31 10.93
N ASN A 43 13.48 6.22 12.11
CA ASN A 43 12.88 6.61 13.38
C ASN A 43 13.31 8.04 13.72
N ASN A 44 12.75 8.61 14.79
CA ASN A 44 13.06 9.99 15.11
C ASN A 44 14.24 10.09 16.07
N SER A 45 15.43 9.86 15.54
CA SER A 45 16.66 9.91 16.32
CA SER A 45 16.64 9.96 16.32
C SER A 45 17.84 10.22 15.41
N GLU A 46 18.85 10.87 15.97
CA GLU A 46 20.06 11.18 15.20
C GLU A 46 20.75 9.90 14.76
N ASN A 47 20.52 8.81 15.47
CA ASN A 47 21.16 7.54 15.09
C ASN A 47 20.39 6.73 14.08
N SER A 48 19.24 7.27 13.68
CA SER A 48 18.44 6.64 12.66
C SER A 48 18.68 7.40 11.36
N ASN A 49 19.76 7.07 10.69
CA ASN A 49 20.14 7.82 9.50
C ASN A 49 20.89 6.97 8.49
N ILE A 50 20.84 7.38 7.23
CA ILE A 50 21.63 6.80 6.17
C ILE A 50 22.21 7.95 5.37
N THR A 51 23.49 7.87 5.08
CA THR A 51 24.11 8.82 4.18
C THR A 51 24.60 8.08 2.95
N ALA A 52 24.18 8.54 1.77
CA ALA A 52 24.75 8.04 0.53
C ALA A 52 25.90 8.96 0.15
N HIS A 53 27.12 8.43 0.22
CA HIS A 53 28.30 9.20 -0.17
C HIS A 53 28.62 8.89 -1.64
N GLN A 54 28.44 9.90 -2.49
CA GLN A 54 28.56 9.71 -3.93
C GLN A 54 29.83 10.36 -4.48
N ASP A 65 20.80 20.81 -13.84
CA ASP A 65 19.49 21.41 -13.66
C ASP A 65 18.38 20.50 -14.20
N ASN A 66 18.77 19.30 -14.62
CA ASN A 66 17.81 18.29 -15.08
C ASN A 66 18.01 16.94 -14.41
N PHE A 67 17.13 16.59 -13.48
CA PHE A 67 17.21 15.30 -12.83
C PHE A 67 15.86 14.88 -12.27
N SER A 68 15.79 13.65 -11.78
CA SER A 68 14.55 13.11 -11.25
C SER A 68 14.83 12.30 -10.00
N ILE A 69 13.90 12.37 -9.05
CA ILE A 69 13.99 11.59 -7.82
C ILE A 69 12.78 10.67 -7.78
N ASN A 70 13.01 9.40 -7.46
CA ASN A 70 11.92 8.41 -7.38
C ASN A 70 12.13 7.52 -6.17
N PHE A 71 11.06 7.33 -5.40
CA PHE A 71 11.06 6.41 -4.29
C PHE A 71 9.63 6.19 -3.84
N TRP A 72 9.41 5.16 -3.05
CA TRP A 72 8.09 4.89 -2.48
C TRP A 72 8.21 5.20 -1.01
N VAL A 73 7.11 5.63 -0.41
CA VAL A 73 7.11 6.01 1.00
C VAL A 73 5.88 5.44 1.70
N ARG A 74 6.02 5.10 2.98
CA ARG A 74 4.90 4.68 3.83
C ARG A 74 4.94 5.49 5.10
N THR A 75 3.94 6.32 5.33
CA THR A 75 3.93 7.15 6.53
C THR A 75 2.70 6.82 7.37
N PRO A 76 2.85 6.80 8.70
CA PRO A 76 1.78 6.35 9.59
C PRO A 76 0.60 7.31 9.67
N LYS A 77 -0.58 6.76 9.93
CA LYS A 77 -1.76 7.57 10.19
C LYS A 77 -1.48 8.55 11.31
N TYR A 78 -2.09 9.72 11.23
CA TYR A 78 -2.08 10.69 12.33
C TYR A 78 -2.57 10.05 13.63
N ASN A 79 -2.09 10.55 14.75
CA ASN A 79 -2.66 10.22 16.04
CA ASN A 79 -2.68 10.20 16.03
C ASN A 79 -3.88 11.12 16.27
N ASN A 80 -5.05 10.53 16.48
CA ASN A 80 -6.26 11.32 16.66
C ASN A 80 -6.09 12.47 17.66
N ASN A 81 -5.42 12.21 18.78
CA ASN A 81 -5.28 13.18 19.85
CA ASN A 81 -5.29 13.20 19.84
C ASN A 81 -4.07 14.13 19.71
N ASP A 82 -3.34 14.01 18.60
CA ASP A 82 -2.18 14.85 18.37
C ASP A 82 -2.20 15.43 16.97
N ILE A 83 -3.37 15.89 16.54
CA ILE A 83 -3.56 16.32 15.16
C ILE A 83 -2.86 17.66 14.81
N GLN A 84 -2.78 18.59 15.75
CA GLN A 84 -2.11 19.85 15.44
C GLN A 84 -0.61 19.66 15.21
N THR A 85 0.00 18.74 15.96
CA THR A 85 1.40 18.40 15.69
C THR A 85 1.54 17.84 14.28
N TYR A 86 0.65 16.91 13.94
CA TYR A 86 0.67 16.27 12.64
C TYR A 86 0.53 17.32 11.53
N LEU A 87 -0.41 18.24 11.70
CA LEU A 87 -0.66 19.27 10.69
C LEU A 87 0.41 20.36 10.60
N GLN A 88 1.02 20.70 11.72
CA GLN A 88 1.86 21.91 11.77
C GLN A 88 3.36 21.65 11.72
N ASN A 89 3.77 20.41 11.99
CA ASN A 89 5.19 20.08 12.08
C ASN A 89 5.71 19.56 10.75
N GLU A 90 6.46 20.41 10.04
CA GLU A 90 7.13 19.99 8.83
C GLU A 90 8.53 19.52 9.15
N TYR A 91 8.89 18.34 8.66
CA TYR A 91 10.21 17.80 8.92
C TYR A 91 10.80 17.23 7.65
N THR A 92 12.10 17.43 7.49
CA THR A 92 12.82 16.91 6.34
C THR A 92 12.99 15.39 6.54
N ILE A 93 12.96 14.65 5.43
CA ILE A 93 13.23 13.22 5.48
C ILE A 93 14.41 12.86 4.58
N ILE A 94 14.54 13.57 3.46
CA ILE A 94 15.65 13.34 2.53
C ILE A 94 16.18 14.69 2.05
N SER A 95 17.50 14.86 2.06
CA SER A 95 18.07 16.12 1.63
C SER A 95 19.42 15.97 0.95
N CYS A 96 19.71 16.91 0.07
CA CYS A 96 20.98 17.01 -0.63
C CYS A 96 21.34 18.48 -0.66
N ILE A 97 22.03 18.93 0.38
CA ILE A 97 22.17 20.35 0.66
C ILE A 97 23.62 20.68 0.95
N LYS A 98 24.04 21.87 0.54
CA LYS A 98 25.40 22.32 0.78
C LYS A 98 25.38 23.84 0.87
N ASN A 99 25.97 24.38 1.92
CA ASN A 99 25.91 25.82 2.18
C ASN A 99 24.47 26.33 2.11
N ASP A 100 23.56 25.56 2.71
CA ASP A 100 22.15 25.93 2.80
C ASP A 100 21.43 25.90 1.45
N SER A 101 22.07 25.34 0.44
CA SER A 101 21.50 25.27 -0.90
C SER A 101 21.51 23.85 -1.48
N GLY A 102 20.41 23.48 -2.13
CA GLY A 102 20.26 22.17 -2.71
C GLY A 102 18.79 21.80 -2.79
N TRP A 103 18.47 20.53 -2.55
CA TRP A 103 17.07 20.08 -2.51
C TRP A 103 16.76 19.24 -1.27
N LYS A 104 15.50 19.25 -0.88
CA LYS A 104 15.06 18.43 0.24
C LYS A 104 13.65 17.93 -0.01
N VAL A 105 13.39 16.72 0.47
CA VAL A 105 12.04 16.18 0.55
C VAL A 105 11.61 16.26 2.01
N SER A 106 10.46 16.84 2.26
CA SER A 106 9.95 16.95 3.62
C SER A 106 8.49 16.48 3.71
N ILE A 107 8.06 16.21 4.93
CA ILE A 107 6.70 15.77 5.16
C ILE A 107 6.08 16.77 6.13
N LYS A 108 4.84 17.16 5.84
CA LYS A 108 4.10 17.97 6.79
C LYS A 108 2.68 17.42 6.86
N GLY A 109 2.44 16.56 7.84
CA GLY A 109 1.15 15.94 7.98
C GLY A 109 0.83 15.12 6.76
N ASN A 110 -0.26 15.49 6.10
CA ASN A 110 -0.73 14.79 4.92
C ASN A 110 -0.18 15.41 3.63
N ARG A 111 0.95 16.11 3.75
CA ARG A 111 1.62 16.70 2.59
C ARG A 111 3.01 16.11 2.42
N ILE A 112 3.35 15.80 1.18
CA ILE A 112 4.71 15.45 0.84
C ILE A 112 5.24 16.60 -0.01
N ILE A 113 6.42 17.11 0.34
CA ILE A 113 6.87 18.42 -0.16
C ILE A 113 8.29 18.37 -0.75
N TRP A 114 8.42 18.95 -1.94
CA TRP A 114 9.72 19.09 -2.60
C TRP A 114 10.15 20.56 -2.59
N THR A 115 11.37 20.82 -2.15
CA THR A 115 11.85 22.20 -2.00
C THR A 115 13.22 22.41 -2.63
N LEU A 116 13.34 23.50 -3.38
CA LEU A 116 14.61 23.92 -3.97
C LEU A 116 15.01 25.23 -3.31
N ILE A 117 16.27 25.30 -2.88
CA ILE A 117 16.77 26.50 -2.21
C ILE A 117 18.06 26.94 -2.88
N ASP A 118 18.11 28.21 -3.26
CA ASP A 118 19.29 28.75 -3.92
C ASP A 118 20.36 29.19 -2.93
N VAL A 119 21.44 29.74 -3.47
CA VAL A 119 22.60 30.12 -2.66
C VAL A 119 22.34 31.30 -1.74
N ASN A 120 21.20 31.97 -1.93
CA ASN A 120 20.84 33.11 -1.10
C ASN A 120 19.78 32.74 -0.05
N ALA A 121 19.45 31.46 0.01
CA ALA A 121 18.43 30.94 0.91
C ALA A 121 17.01 31.29 0.48
N LYS A 122 16.85 31.63 -0.80
CA LYS A 122 15.51 31.79 -1.36
C LYS A 122 14.95 30.45 -1.82
N SER A 123 13.78 30.09 -1.30
CA SER A 123 13.21 28.76 -1.58
C SER A 123 11.87 28.82 -2.31
N LYS A 124 11.58 27.74 -3.03
CA LYS A 124 10.27 27.54 -3.63
C LYS A 124 9.92 26.05 -3.58
N SER A 125 8.67 25.76 -3.21
CA SER A 125 8.26 24.40 -3.00
C SER A 125 7.08 23.99 -3.86
N ILE A 126 6.98 22.69 -4.11
CA ILE A 126 5.83 22.10 -4.73
C ILE A 126 5.47 20.91 -3.85
N PHE A 127 4.20 20.53 -3.79
CA PHE A 127 3.77 19.49 -2.87
C PHE A 127 2.60 18.67 -3.40
N PHE A 128 2.42 17.49 -2.81
CA PHE A 128 1.23 16.68 -3.03
C PHE A 128 0.52 16.53 -1.68
N GLU A 129 -0.79 16.81 -1.66
CA GLU A 129 -1.57 16.64 -0.43
C GLU A 129 -2.68 15.63 -0.65
N TYR A 130 -2.79 14.63 0.23
CA TYR A 130 -3.93 13.70 0.20
C TYR A 130 -4.88 14.01 1.36
N SER A 131 -6.15 13.67 1.19
CA SER A 131 -7.16 13.97 2.19
C SER A 131 -6.95 13.20 3.50
N ILE A 132 -7.34 13.81 4.62
CA ILE A 132 -7.42 13.10 5.87
C ILE A 132 -8.86 13.12 6.36
N LYS A 133 -9.79 13.26 5.42
CA LYS A 133 -11.21 13.26 5.80
C LYS A 133 -12.02 12.20 5.06
N ASP A 134 -11.36 11.42 4.20
CA ASP A 134 -12.08 10.40 3.43
C ASP A 134 -12.30 9.17 4.29
N ASN A 135 -13.46 8.52 4.09
CA ASN A 135 -13.72 7.26 4.79
C ASN A 135 -12.62 6.25 4.57
N ILE A 136 -12.14 6.16 3.33
CA ILE A 136 -11.07 5.23 2.97
C ILE A 136 -10.01 5.95 2.15
N SER A 137 -8.75 5.80 2.53
CA SER A 137 -7.67 6.51 1.88
C SER A 137 -6.76 5.58 1.08
N ASP A 138 -6.40 5.97 -0.13
CA ASP A 138 -5.43 5.24 -0.93
C ASP A 138 -3.99 5.57 -0.50
N TYR A 139 -3.84 6.43 0.50
CA TYR A 139 -2.50 6.95 0.84
C TYR A 139 -2.08 6.77 2.30
N ILE A 140 -2.98 7.01 3.23
CA ILE A 140 -2.63 6.93 4.65
C ILE A 140 -2.09 5.57 5.06
N ASN A 141 -0.85 5.55 5.55
CA ASN A 141 -0.18 4.32 6.01
C ASN A 141 0.07 3.27 4.91
N LYS A 142 -0.07 3.68 3.66
CA LYS A 142 0.09 2.75 2.53
C LYS A 142 1.29 3.12 1.70
N TRP A 143 2.00 2.12 1.19
CA TRP A 143 3.06 2.36 0.22
C TRP A 143 2.50 3.12 -0.98
N PHE A 144 3.14 4.20 -1.36
CA PHE A 144 2.83 4.83 -2.63
C PHE A 144 4.08 5.40 -3.27
N SER A 145 4.08 5.45 -4.60
CA SER A 145 5.25 5.84 -5.36
C SER A 145 5.24 7.35 -5.59
N ILE A 146 6.39 7.98 -5.48
CA ILE A 146 6.48 9.38 -5.83
C ILE A 146 7.65 9.58 -6.77
N THR A 147 7.47 10.47 -7.73
CA THR A 147 8.51 10.82 -8.68
C THR A 147 8.51 12.33 -8.84
N ILE A 148 9.66 12.93 -8.60
CA ILE A 148 9.83 14.36 -8.78
C ILE A 148 10.80 14.58 -9.93
N THR A 149 10.38 15.37 -10.91
CA THR A 149 11.25 15.75 -12.02
C THR A 149 11.42 17.26 -12.03
N ASN A 150 12.54 17.72 -12.56
CA ASN A 150 12.81 19.14 -12.65
C ASN A 150 13.63 19.45 -13.89
N ASP A 151 13.26 20.50 -14.61
CA ASP A 151 13.99 20.87 -15.82
C ASP A 151 14.51 22.31 -15.75
N ARG A 152 15.01 22.81 -16.87
CA ARG A 152 15.65 24.13 -16.92
C ARG A 152 14.75 25.22 -17.48
N LEU A 153 13.52 24.85 -17.83
CA LEU A 153 12.56 25.81 -18.40
C LEU A 153 12.20 26.98 -17.48
N GLY A 154 12.03 26.75 -16.18
CA GLY A 154 12.19 25.43 -15.59
C GLY A 154 10.96 24.96 -14.82
N ASN A 155 10.55 23.73 -15.12
CA ASN A 155 9.39 23.14 -14.45
C ASN A 155 9.79 22.07 -13.44
N ALA A 156 9.08 22.06 -12.32
CA ALA A 156 9.17 20.96 -11.37
C ALA A 156 7.85 20.21 -11.42
N ASN A 157 7.92 18.88 -11.47
CA ASN A 157 6.73 18.04 -11.53
C ASN A 157 6.73 16.99 -10.43
N ILE A 158 5.56 16.75 -9.85
CA ILE A 158 5.39 15.65 -8.91
C ILE A 158 4.43 14.63 -9.49
N TYR A 159 4.90 13.41 -9.61
CA TYR A 159 4.07 12.30 -10.03
C TYR A 159 3.77 11.44 -8.80
N ILE A 160 2.54 10.98 -8.68
CA ILE A 160 2.17 10.06 -7.61
C ILE A 160 1.59 8.79 -8.20
N ASN A 161 2.17 7.65 -7.83
CA ASN A 161 1.74 6.37 -8.40
C ASN A 161 1.68 6.44 -9.92
N GLY A 162 2.74 6.98 -10.50
CA GLY A 162 2.89 7.01 -11.95
C GLY A 162 2.13 8.11 -12.68
N SER A 163 1.33 8.88 -11.96
CA SER A 163 0.48 9.88 -12.59
C SER A 163 0.86 11.31 -12.18
N LEU A 164 0.92 12.22 -13.15
CA LEU A 164 1.26 13.61 -12.88
C LEU A 164 0.23 14.23 -11.93
N LYS A 165 0.68 14.84 -10.83
CA LYS A 165 -0.23 15.48 -9.88
C LYS A 165 -0.02 16.99 -9.81
N LYS A 166 1.23 17.43 -9.99
CA LYS A 166 1.53 18.84 -9.99
C LYS A 166 2.74 19.16 -10.85
N SER A 167 2.81 20.40 -11.32
CA SER A 167 3.89 20.82 -12.20
C SER A 167 3.93 22.34 -12.24
N GLU A 168 4.99 22.92 -11.69
CA GLU A 168 5.10 24.38 -11.60
C GLU A 168 6.50 24.91 -11.90
N LYS A 169 6.57 26.20 -12.23
CA LYS A 169 7.84 26.92 -12.26
C LYS A 169 7.93 27.77 -11.00
N ILE A 170 9.12 28.29 -10.69
CA ILE A 170 10.30 28.14 -11.53
C ILE A 170 11.32 27.17 -10.94
N LEU A 173 14.75 33.07 -8.74
CA LEU A 173 15.45 31.79 -8.83
C LEU A 173 16.94 32.00 -9.12
N ASP A 174 17.78 31.72 -8.12
CA ASP A 174 19.22 31.79 -8.32
C ASP A 174 19.81 30.40 -8.59
N ARG A 175 21.08 30.23 -8.25
CA ARG A 175 21.76 28.96 -8.47
C ARG A 175 21.55 27.98 -7.30
N ILE A 176 21.41 26.71 -7.62
CA ILE A 176 21.18 25.67 -6.62
C ILE A 176 22.39 24.74 -6.49
N ASN A 177 23.02 24.74 -5.32
CA ASN A 177 24.17 23.90 -5.06
C ASN A 177 23.88 22.41 -5.18
N SER A 178 24.91 21.65 -5.56
CA SER A 178 24.81 20.19 -5.60
C SER A 178 25.73 19.58 -4.54
N SER A 179 25.22 18.61 -3.79
CA SER A 179 26.00 17.99 -2.74
C SER A 179 26.39 16.55 -3.08
N ASN A 180 27.52 16.11 -2.55
CA ASN A 180 27.98 14.73 -2.73
C ASN A 180 27.25 13.77 -1.81
N ASP A 181 26.63 14.30 -0.76
CA ASP A 181 25.91 13.47 0.20
C ASP A 181 24.40 13.59 0.08
N ILE A 182 23.72 12.45 0.17
CA ILE A 182 22.28 12.46 0.37
C ILE A 182 22.00 11.88 1.74
N ASP A 183 21.37 12.69 2.60
CA ASP A 183 21.07 12.25 3.96
C ASP A 183 19.61 11.82 4.08
N PHE A 184 19.43 10.58 4.53
CA PHE A 184 18.10 10.07 4.86
C PHE A 184 17.97 10.13 6.38
N LYS A 185 17.10 10.99 6.86
CA LYS A 185 17.04 11.31 8.28
C LYS A 185 15.90 12.28 8.56
N LEU A 186 15.21 12.10 9.68
CA LEU A 186 14.18 13.04 10.10
C LEU A 186 14.83 14.30 10.70
N ILE A 187 14.55 15.45 10.10
CA ILE A 187 15.06 16.72 10.63
C ILE A 187 13.91 17.62 11.07
N ASN A 188 13.98 18.09 12.32
CA ASN A 188 12.97 18.99 12.89
C ASN A 188 11.62 18.32 13.22
N CYS A 189 11.60 17.00 13.34
CA CYS A 189 10.35 16.32 13.70
C CYS A 189 10.18 16.35 15.23
N THR A 190 9.02 16.79 15.71
CA THR A 190 8.84 16.97 17.15
C THR A 190 8.13 15.79 17.84
N ASP A 191 7.67 14.82 17.06
CA ASP A 191 6.99 13.66 17.62
C ASP A 191 8.02 12.53 17.74
N THR A 192 8.39 12.15 18.97
CA THR A 192 9.46 11.17 19.13
C THR A 192 9.06 9.78 18.66
N THR A 193 7.76 9.56 18.42
CA THR A 193 7.29 8.27 17.96
C THR A 193 7.24 8.16 16.44
N LYS A 194 7.54 9.26 15.75
CA LYS A 194 7.40 9.29 14.28
C LYS A 194 8.36 8.33 13.59
N PHE A 195 7.90 7.74 12.50
CA PHE A 195 8.78 6.97 11.64
C PHE A 195 8.29 7.12 10.21
N VAL A 196 9.16 6.79 9.26
CA VAL A 196 8.82 6.81 7.85
C VAL A 196 9.46 5.59 7.21
N TRP A 197 8.71 4.89 6.37
CA TRP A 197 9.28 3.77 5.61
C TRP A 197 9.60 4.24 4.20
N ILE A 198 10.74 3.79 3.66
CA ILE A 198 11.16 4.13 2.31
C ILE A 198 11.63 2.86 1.58
N LYS A 199 11.36 2.78 0.27
CA LYS A 199 11.86 1.69 -0.54
C LYS A 199 12.10 2.19 -1.96
N ASP A 200 12.89 1.44 -2.71
CA ASP A 200 13.15 1.73 -4.12
C ASP A 200 13.61 3.16 -4.35
N PHE A 201 14.58 3.64 -3.57
CA PHE A 201 15.08 4.99 -3.81
C PHE A 201 16.03 5.01 -5.02
N ASN A 202 15.75 5.91 -5.95
CA ASN A 202 16.50 6.05 -7.19
C ASN A 202 16.71 7.50 -7.56
N ILE A 203 17.90 7.81 -8.07
CA ILE A 203 18.20 9.10 -8.65
C ILE A 203 18.46 8.94 -10.13
N PHE A 204 17.90 9.85 -10.94
CA PHE A 204 18.18 9.85 -12.38
C PHE A 204 18.80 11.18 -12.82
N GLY A 205 19.74 11.09 -13.77
CA GLY A 205 20.48 12.25 -14.22
C GLY A 205 19.77 13.06 -15.28
N ARG A 206 18.48 12.76 -15.49
CA ARG A 206 17.70 13.46 -16.49
C ARG A 206 16.26 13.61 -16.02
N GLU A 207 15.52 14.51 -16.66
CA GLU A 207 14.09 14.64 -16.39
C GLU A 207 13.33 13.54 -17.12
N LEU A 208 12.80 12.58 -16.36
CA LEU A 208 11.99 11.53 -16.94
C LEU A 208 10.66 12.12 -17.39
N ASN A 209 10.19 11.72 -18.57
CA ASN A 209 8.90 12.18 -19.07
C ASN A 209 7.74 11.34 -18.56
N ALA A 210 6.52 11.86 -18.72
CA ALA A 210 5.32 11.20 -18.21
C ALA A 210 5.20 9.73 -18.62
N THR A 211 5.66 9.38 -19.82
CA THR A 211 5.58 7.99 -20.28
C THR A 211 6.59 7.13 -19.51
N GLU A 212 7.79 7.67 -19.33
CA GLU A 212 8.86 6.99 -18.61
C GLU A 212 8.48 6.75 -17.15
N VAL A 213 7.75 7.69 -16.57
CA VAL A 213 7.37 7.59 -15.16
C VAL A 213 6.34 6.49 -14.95
N GLU A 214 5.32 6.46 -15.81
CA GLU A 214 4.28 5.45 -15.73
CA GLU A 214 4.28 5.44 -15.72
C GLU A 214 4.84 4.05 -15.89
N GLU A 215 5.79 3.89 -16.81
CA GLU A 215 6.36 2.57 -17.07
C GLU A 215 7.19 2.11 -15.88
N ARG A 216 8.00 2.99 -15.32
CA ARG A 216 8.80 2.65 -14.15
C ARG A 216 7.91 2.27 -12.97
N TYR A 217 6.72 2.85 -12.93
CA TYR A 217 5.75 2.53 -11.90
C TYR A 217 5.25 1.11 -12.05
N LYS A 218 4.82 0.77 -13.27
CA LYS A 218 4.30 -0.57 -13.53
C LYS A 218 5.35 -1.62 -13.22
N ILE A 219 6.59 -1.33 -13.61
CA ILE A 219 7.72 -2.21 -13.31
C ILE A 219 7.94 -2.35 -11.80
N GLN A 220 7.96 -1.23 -11.09
CA GLN A 220 8.25 -1.28 -9.65
C GLN A 220 7.09 -1.85 -8.83
N SER A 221 5.97 -2.14 -9.49
CA SER A 221 4.81 -2.72 -8.80
C SER A 221 4.89 -4.24 -8.78
N ASN A 224 3.37 -9.50 -10.34
CA ASN A 224 3.13 -10.91 -10.04
C ASN A 224 2.98 -11.14 -8.54
N THR A 225 3.23 -10.10 -7.77
CA THR A 225 3.16 -10.20 -6.32
C THR A 225 1.76 -9.87 -5.80
N LEU A 226 1.24 -10.73 -4.94
CA LEU A 226 -0.02 -10.44 -4.23
C LEU A 226 0.34 -9.58 -3.03
N LYS A 227 -0.43 -8.52 -2.81
CA LYS A 227 -0.11 -7.61 -1.73
C LYS A 227 -1.27 -7.47 -0.77
N ASP A 228 -0.99 -6.94 0.43
CA ASP A 228 -2.02 -6.59 1.39
C ASP A 228 -2.46 -5.13 1.21
N PHE A 229 -3.43 -4.71 2.03
CA PHE A 229 -4.03 -3.39 1.99
C PHE A 229 -2.96 -2.29 2.10
N TRP A 230 -1.88 -2.57 2.84
CA TRP A 230 -0.83 -1.57 3.05
C TRP A 230 0.19 -1.53 1.90
N GLY A 231 0.15 -2.55 1.05
CA GLY A 231 1.08 -2.66 -0.07
C GLY A 231 2.28 -3.55 0.16
N ASN A 232 2.29 -4.31 1.25
CA ASN A 232 3.31 -5.32 1.49
C ASN A 232 2.89 -6.70 0.96
N PRO A 233 3.85 -7.60 0.76
CA PRO A 233 3.47 -8.95 0.30
C PRO A 233 2.39 -9.59 1.18
N LEU A 234 1.45 -10.26 0.52
CA LEU A 234 0.42 -11.02 1.20
C LEU A 234 1.05 -12.30 1.76
N ARG A 235 0.66 -12.70 2.97
CA ARG A 235 1.28 -13.87 3.62
C ARG A 235 0.32 -14.91 4.17
N TYR A 236 0.79 -16.15 4.25
CA TYR A 236 0.07 -17.23 4.90
C TYR A 236 0.14 -17.06 6.41
N ASP A 237 -0.76 -17.71 7.13
CA ASP A 237 -0.68 -17.79 8.57
C ASP A 237 -0.68 -16.43 9.26
N THR A 238 -1.36 -15.46 8.64
CA THR A 238 -1.41 -14.09 9.15
C THR A 238 -2.86 -13.62 9.25
N GLN A 239 -3.22 -13.01 10.37
CA GLN A 239 -4.59 -12.53 10.54
C GLN A 239 -4.90 -11.31 9.68
N TYR A 240 -6.01 -11.38 8.94
CA TYR A 240 -6.42 -10.34 8.02
C TYR A 240 -7.91 -10.05 8.15
N TYR A 241 -8.26 -8.77 8.23
CA TYR A 241 -9.63 -8.32 8.00
C TYR A 241 -9.82 -8.13 6.50
N LEU A 242 -11.06 -8.03 6.06
CA LEU A 242 -11.36 -8.10 4.64
C LEU A 242 -11.94 -6.80 4.15
N PHE A 243 -11.42 -6.33 3.02
CA PHE A 243 -11.89 -5.10 2.41
C PHE A 243 -12.39 -5.39 1.00
N ASN A 244 -13.56 -4.84 0.65
CA ASN A 244 -14.13 -4.94 -0.69
C ASN A 244 -14.01 -3.63 -1.49
N GLN A 245 -13.33 -3.69 -2.64
CA GLN A 245 -13.12 -2.51 -3.46
C GLN A 245 -14.43 -1.91 -4.01
N GLY A 246 -15.42 -2.75 -4.29
CA GLY A 246 -16.67 -2.25 -4.83
C GLY A 246 -17.63 -1.69 -3.79
N MET A 247 -17.53 -2.19 -2.56
CA MET A 247 -18.40 -1.75 -1.47
C MET A 247 -17.49 -1.44 -0.31
N GLN A 248 -16.90 -0.25 -0.34
CA GLN A 248 -15.80 0.08 0.57
C GLN A 248 -16.27 0.45 1.96
N ASN A 249 -17.56 0.75 2.10
CA ASN A 249 -18.03 1.33 3.35
C ASN A 249 -18.77 0.34 4.24
N ILE A 250 -18.68 -0.93 3.87
CA ILE A 250 -19.20 -2.03 4.69
C ILE A 250 -18.08 -3.00 5.02
N TYR A 251 -18.34 -3.88 5.99
CA TYR A 251 -17.45 -5.01 6.22
C TYR A 251 -18.29 -6.27 6.26
N ILE A 252 -17.63 -7.42 6.23
CA ILE A 252 -18.31 -8.71 6.32
C ILE A 252 -18.33 -9.26 7.75
N LYS A 253 -19.54 -9.53 8.23
CA LYS A 253 -19.80 -9.93 9.60
C LYS A 253 -20.46 -11.32 9.59
N TYR A 254 -20.05 -12.19 10.52
CA TYR A 254 -20.68 -13.49 10.69
C TYR A 254 -22.14 -13.34 11.13
N PHE A 255 -23.02 -14.01 10.40
CA PHE A 255 -24.44 -13.99 10.72
C PHE A 255 -24.73 -15.37 11.28
N SER A 256 -24.79 -15.44 12.61
CA SER A 256 -24.94 -16.69 13.36
C SER A 256 -26.09 -17.57 12.93
N LYS A 257 -27.23 -16.95 12.66
CA LYS A 257 -28.44 -17.71 12.34
C LYS A 257 -28.34 -18.47 11.01
N ALA A 258 -27.36 -18.11 10.18
CA ALA A 258 -27.35 -18.61 8.81
C ALA A 258 -26.04 -19.26 8.34
N SER A 259 -25.01 -19.20 9.18
CA SER A 259 -23.69 -19.71 8.79
C SER A 259 -23.16 -18.93 7.58
N MET A 260 -23.37 -17.61 7.55
CA MET A 260 -22.96 -16.79 6.41
C MET A 260 -22.28 -15.49 6.83
N GLY A 261 -21.71 -14.80 5.84
CA GLY A 261 -21.23 -13.45 6.03
C GLY A 261 -22.23 -12.47 5.47
N GLU A 262 -22.68 -11.52 6.29
CA GLU A 262 -23.57 -10.45 5.82
C GLU A 262 -22.77 -9.16 5.90
N THR A 263 -23.19 -8.14 5.14
CA THR A 263 -22.51 -6.85 5.27
C THR A 263 -23.00 -6.11 6.50
N ALA A 264 -22.16 -5.22 7.02
CA ALA A 264 -22.57 -4.26 8.03
C ALA A 264 -21.81 -2.97 7.74
N PRO A 265 -22.41 -1.81 8.07
CA PRO A 265 -21.73 -0.54 7.80
C PRO A 265 -20.49 -0.38 8.69
N ARG A 266 -19.38 0.07 8.12
CA ARG A 266 -18.19 0.39 8.91
C ARG A 266 -18.52 1.50 9.91
N THR A 267 -17.94 1.41 11.09
CA THR A 267 -18.04 2.51 12.03
C THR A 267 -16.96 3.49 11.66
N ASN A 268 -16.98 4.66 12.30
CA ASN A 268 -16.05 5.71 11.95
C ASN A 268 -15.57 6.50 13.15
N PHE A 269 -14.54 7.28 12.92
CA PHE A 269 -14.12 8.28 13.89
C PHE A 269 -13.93 9.59 13.16
N ASN A 270 -14.47 10.67 13.72
CA ASN A 270 -14.13 11.98 13.19
C ASN A 270 -14.08 13.04 14.28
N ASN A 271 -13.26 14.06 14.06
CA ASN A 271 -13.23 15.21 14.93
C ASN A 271 -13.19 16.46 14.05
N ALA A 272 -12.67 17.56 14.57
CA ALA A 272 -12.67 18.79 13.79
C ALA A 272 -11.82 18.68 12.52
N ALA A 273 -10.71 17.94 12.61
CA ALA A 273 -9.72 17.95 11.55
C ALA A 273 -9.77 16.72 10.65
N ILE A 274 -10.28 15.62 11.17
CA ILE A 274 -10.15 14.35 10.45
C ILE A 274 -11.40 13.47 10.48
N ASN A 275 -11.42 12.50 9.60
CA ASN A 275 -12.48 11.49 9.57
C ASN A 275 -11.98 10.26 8.85
N TYR A 276 -12.30 9.09 9.40
CA TYR A 276 -11.97 7.82 8.78
C TYR A 276 -12.93 6.74 9.22
N GLN A 277 -13.13 5.73 8.38
CA GLN A 277 -13.84 4.54 8.80
C GLN A 277 -12.89 3.49 9.33
N ASN A 278 -13.32 2.76 10.35
CA ASN A 278 -12.53 1.65 10.92
C ASN A 278 -12.34 0.48 9.94
N LEU A 279 -11.17 -0.16 10.05
CA LEU A 279 -10.71 -1.22 9.15
C LEU A 279 -10.68 -2.58 9.82
N TYR A 280 -10.39 -2.59 11.10
CA TYR A 280 -10.26 -3.84 11.81
C TYR A 280 -11.63 -4.31 12.33
N LEU A 281 -12.49 -4.73 11.42
CA LEU A 281 -13.88 -5.06 11.73
C LEU A 281 -14.26 -6.36 11.05
N GLY A 282 -15.16 -7.14 11.66
CA GLY A 282 -15.71 -8.31 11.00
C GLY A 282 -14.88 -9.58 11.08
N LEU A 283 -15.11 -10.49 10.12
CA LEU A 283 -14.41 -11.77 10.07
C LEU A 283 -12.91 -11.56 10.04
N ARG A 284 -12.20 -12.34 10.84
CA ARG A 284 -10.75 -12.31 10.79
C ARG A 284 -10.27 -13.61 10.13
N PHE A 285 -9.59 -13.48 9.00
CA PHE A 285 -9.20 -14.62 8.17
C PHE A 285 -7.75 -14.96 8.35
N ILE A 286 -7.43 -16.24 8.13
CA ILE A 286 -6.04 -16.66 7.99
C ILE A 286 -5.94 -17.48 6.70
N ILE A 287 -5.04 -17.07 5.81
CA ILE A 287 -4.79 -17.82 4.59
C ILE A 287 -3.90 -19.03 4.87
N LYS A 288 -4.38 -20.21 4.48
CA LYS A 288 -3.63 -21.46 4.66
C LYS A 288 -3.26 -22.06 3.31
N LYS A 289 -2.11 -22.71 3.23
CA LYS A 289 -1.74 -23.46 2.06
C LYS A 289 -2.63 -24.68 1.93
N ALA A 290 -3.24 -24.86 0.77
CA ALA A 290 -4.07 -26.02 0.55
C ALA A 290 -3.22 -27.20 0.08
N SER A 291 -2.28 -26.90 -0.82
CA SER A 291 -1.42 -27.93 -1.41
C SER A 291 -0.39 -28.48 -0.42
N ASP A 299 8.71 -20.34 1.63
CA ASP A 299 8.45 -19.17 2.47
C ASP A 299 6.95 -19.02 2.75
N ASN A 300 6.55 -17.89 3.32
CA ASN A 300 5.16 -17.71 3.70
C ASN A 300 4.44 -16.66 2.86
N ILE A 301 4.97 -16.38 1.67
CA ILE A 301 4.36 -15.39 0.79
C ILE A 301 3.36 -16.09 -0.12
N VAL A 302 2.15 -15.53 -0.22
CA VAL A 302 1.12 -16.07 -1.11
C VAL A 302 1.34 -15.54 -2.53
N ARG A 303 1.40 -16.46 -3.48
CA ARG A 303 1.64 -16.09 -4.87
C ARG A 303 0.42 -16.30 -5.74
N GLU A 304 0.31 -15.47 -6.77
CA GLU A 304 -0.80 -15.54 -7.70
C GLU A 304 -1.00 -16.98 -8.15
N GLY A 305 -2.24 -17.45 -8.08
CA GLY A 305 -2.56 -18.80 -8.51
C GLY A 305 -2.41 -19.90 -7.46
N ASP A 306 -1.84 -19.58 -6.30
CA ASP A 306 -1.69 -20.57 -5.22
C ASP A 306 -3.06 -21.14 -4.87
N TYR A 307 -3.07 -22.41 -4.44
CA TYR A 307 -4.25 -23.05 -3.89
C TYR A 307 -4.29 -22.87 -2.36
N ILE A 308 -5.38 -22.34 -1.84
CA ILE A 308 -5.42 -21.93 -0.45
C ILE A 308 -6.73 -22.29 0.21
N TYR A 309 -6.73 -22.29 1.54
CA TYR A 309 -7.98 -22.24 2.30
C TYR A 309 -8.08 -20.91 3.00
N LEU A 310 -9.32 -20.48 3.27
CA LEU A 310 -9.51 -19.31 4.10
C LEU A 310 -10.09 -19.77 5.45
N ASN A 311 -9.25 -19.81 6.47
CA ASN A 311 -9.71 -20.08 7.84
C ASN A 311 -10.28 -18.79 8.43
N ILE A 312 -11.16 -18.91 9.41
CA ILE A 312 -11.69 -17.75 10.11
C ILE A 312 -11.55 -18.05 11.59
N ASP A 313 -10.83 -17.20 12.32
CA ASP A 313 -10.44 -17.58 13.68
C ASP A 313 -11.10 -16.71 14.76
N ASN A 314 -12.09 -15.91 14.39
CA ASN A 314 -12.77 -15.09 15.40
C ASN A 314 -14.28 -15.32 15.49
N ILE A 315 -14.75 -16.47 15.06
CA ILE A 315 -16.17 -16.80 15.20
C ILE A 315 -16.44 -17.53 16.51
N SER A 316 -15.51 -18.37 16.92
CA SER A 316 -15.62 -19.06 18.19
C SER A 316 -14.27 -19.68 18.52
N ASP A 317 -14.26 -20.53 19.55
CA ASP A 317 -13.07 -21.24 19.97
C ASP A 317 -12.54 -22.18 18.89
N GLU A 318 -13.43 -22.76 18.09
CA GLU A 318 -12.96 -23.66 17.05
C GLU A 318 -12.75 -22.90 15.74
N SER A 319 -11.90 -23.47 14.90
CA SER A 319 -11.60 -22.90 13.61
C SER A 319 -12.80 -23.07 12.70
N TYR A 320 -13.10 -22.02 11.94
CA TYR A 320 -14.10 -22.11 10.88
C TYR A 320 -13.35 -21.94 9.58
N ARG A 321 -14.05 -22.14 8.47
CA ARG A 321 -13.41 -22.05 7.17
C ARG A 321 -14.48 -21.70 6.18
N VAL A 322 -14.07 -21.09 5.07
CA VAL A 322 -14.99 -20.72 4.02
C VAL A 322 -15.24 -21.91 3.11
N TYR A 323 -16.51 -22.24 2.89
CA TYR A 323 -16.87 -23.33 1.97
C TYR A 323 -17.77 -22.87 0.83
N VAL A 324 -17.56 -23.47 -0.34
CA VAL A 324 -18.39 -23.23 -1.49
C VAL A 324 -19.39 -24.39 -1.68
N LEU A 325 -20.67 -24.05 -1.87
CA LEU A 325 -21.65 -25.09 -2.15
C LEU A 325 -21.45 -25.59 -3.58
N VAL A 326 -20.95 -26.81 -3.74
CA VAL A 326 -20.56 -27.29 -5.07
C VAL A 326 -21.72 -27.74 -5.96
N ASN A 327 -22.84 -28.13 -5.36
CA ASN A 327 -23.96 -28.64 -6.14
C ASN A 327 -25.08 -27.63 -6.29
N SER A 328 -24.74 -26.35 -6.29
CA SER A 328 -25.72 -25.31 -6.61
C SER A 328 -25.83 -25.10 -8.12
N LYS A 329 -27.05 -24.91 -8.61
CA LYS A 329 -27.27 -24.57 -10.01
C LYS A 329 -27.61 -23.09 -10.19
N GLU A 330 -27.52 -22.31 -9.12
CA GLU A 330 -27.81 -20.87 -9.20
C GLU A 330 -26.60 -20.09 -9.71
N ILE A 331 -26.86 -18.91 -10.27
CA ILE A 331 -25.82 -17.98 -10.70
C ILE A 331 -24.93 -17.60 -9.52
N GLN A 332 -25.55 -17.25 -8.40
CA GLN A 332 -24.81 -16.84 -7.20
C GLN A 332 -25.25 -17.68 -6.01
N THR A 333 -24.31 -17.97 -5.11
CA THR A 333 -24.63 -18.71 -3.91
CA THR A 333 -24.65 -18.70 -3.90
C THR A 333 -23.92 -18.10 -2.71
N GLN A 334 -24.59 -18.10 -1.58
CA GLN A 334 -23.99 -17.60 -0.34
C GLN A 334 -22.87 -18.54 0.06
N LEU A 335 -21.74 -17.97 0.50
CA LEU A 335 -20.64 -18.80 1.01
C LEU A 335 -21.04 -19.35 2.37
N PHE A 336 -20.59 -20.58 2.65
CA PHE A 336 -20.93 -21.32 3.86
C PHE A 336 -19.76 -21.21 4.84
N LEU A 337 -19.96 -20.51 5.95
CA LEU A 337 -18.86 -20.31 6.90
C LEU A 337 -19.12 -21.31 8.01
N ALA A 338 -18.26 -22.33 8.11
CA ALA A 338 -18.57 -23.49 8.97
C ALA A 338 -17.35 -24.15 9.64
N PRO A 339 -17.58 -24.91 10.72
CA PRO A 339 -16.51 -25.74 11.25
C PRO A 339 -15.97 -26.69 10.19
N ILE A 340 -14.70 -27.06 10.32
CA ILE A 340 -14.07 -27.98 9.40
C ILE A 340 -14.87 -29.27 9.25
N ASN A 341 -14.99 -29.73 8.01
CA ASN A 341 -15.80 -30.92 7.74
C ASN A 341 -15.34 -31.63 6.46
N ASP A 342 -15.78 -32.88 6.30
CA ASP A 342 -15.51 -33.66 5.09
C ASP A 342 -16.77 -33.91 4.26
N ASP A 343 -17.65 -32.93 4.24
CA ASP A 343 -18.93 -33.08 3.53
C ASP A 343 -18.66 -32.70 2.08
N PRO A 344 -18.76 -33.66 1.17
CA PRO A 344 -18.44 -33.42 -0.26
C PRO A 344 -19.44 -32.48 -0.96
N THR A 345 -20.53 -32.09 -0.31
CA THR A 345 -21.41 -31.10 -0.94
C THR A 345 -20.82 -29.70 -0.80
N PHE A 346 -19.73 -29.59 -0.04
CA PHE A 346 -19.04 -28.31 0.12
C PHE A 346 -17.60 -28.47 -0.31
N TYR A 347 -16.94 -27.38 -0.68
CA TYR A 347 -15.57 -27.43 -1.14
C TYR A 347 -14.81 -26.20 -0.64
N ASP A 348 -13.58 -26.40 -0.17
CA ASP A 348 -12.85 -25.32 0.47
C ASP A 348 -11.58 -24.88 -0.25
N VAL A 349 -11.23 -25.57 -1.32
CA VAL A 349 -10.02 -25.24 -2.07
C VAL A 349 -10.23 -24.04 -3.02
N LEU A 350 -9.54 -22.95 -2.71
CA LEU A 350 -9.69 -21.70 -3.44
C LEU A 350 -8.38 -21.32 -4.12
N GLN A 351 -8.46 -20.32 -4.99
CA GLN A 351 -7.28 -19.79 -5.67
CA GLN A 351 -7.28 -19.78 -5.66
C GLN A 351 -7.34 -18.26 -5.65
N ILE A 352 -6.25 -17.63 -5.19
CA ILE A 352 -6.17 -16.18 -5.19
C ILE A 352 -5.52 -15.73 -6.48
N LYS A 353 -6.11 -14.71 -7.11
CA LYS A 353 -5.71 -14.32 -8.44
C LYS A 353 -5.56 -12.80 -8.53
N LYS A 354 -4.92 -12.35 -9.60
CA LYS A 354 -4.90 -10.92 -9.93
C LYS A 354 -5.11 -10.78 -11.43
N TYR A 355 -6.37 -10.78 -11.85
CA TYR A 355 -6.71 -10.78 -13.27
C TYR A 355 -6.51 -9.44 -14.00
N TYR A 356 -6.46 -8.35 -13.25
CA TYR A 356 -6.41 -7.02 -13.87
C TYR A 356 -6.10 -6.01 -12.78
N GLU A 357 -6.05 -4.72 -13.16
CA GLU A 357 -5.55 -3.65 -12.28
C GLU A 357 -4.33 -4.10 -11.47
N LYS A 358 -3.33 -4.62 -12.18
CA LYS A 358 -2.22 -5.34 -11.56
C LYS A 358 -1.23 -4.49 -10.75
N THR A 359 -1.35 -3.17 -10.83
CA THR A 359 -0.54 -2.28 -10.02
C THR A 359 -1.21 -1.95 -8.69
N THR A 360 -2.46 -2.38 -8.53
CA THR A 360 -3.19 -2.10 -7.30
C THR A 360 -2.98 -3.21 -6.29
N TYR A 361 -3.54 -3.06 -5.09
CA TYR A 361 -3.40 -4.08 -4.06
C TYR A 361 -4.61 -5.00 -3.98
N ASN A 362 -5.49 -4.93 -4.98
CA ASN A 362 -6.65 -5.80 -5.04
C ASN A 362 -6.35 -7.20 -5.58
N CYS A 363 -7.20 -8.15 -5.23
CA CYS A 363 -7.07 -9.51 -5.75
C CYS A 363 -8.46 -10.10 -5.83
N GLN A 364 -8.58 -11.23 -6.53
CA GLN A 364 -9.86 -11.92 -6.69
C GLN A 364 -9.74 -13.31 -6.11
N ILE A 365 -10.85 -13.91 -5.71
CA ILE A 365 -10.82 -15.27 -5.15
C ILE A 365 -11.70 -16.17 -5.99
N LEU A 366 -11.09 -17.20 -6.58
CA LEU A 366 -11.73 -18.11 -7.50
C LEU A 366 -11.94 -19.48 -6.82
N CYS A 367 -13.01 -20.17 -7.21
CA CYS A 367 -13.15 -21.58 -6.85
C CYS A 367 -13.50 -22.39 -8.09
N GLU A 368 -12.71 -23.42 -8.36
CA GLU A 368 -12.91 -24.30 -9.51
C GLU A 368 -12.69 -25.75 -9.06
N LYS A 369 -13.44 -26.69 -9.63
CA LYS A 369 -13.26 -28.11 -9.31
C LYS A 369 -13.80 -29.05 -10.38
N ASP A 370 -13.06 -29.24 -11.46
CA ASP A 370 -11.89 -28.42 -11.77
C ASP A 370 -12.09 -28.01 -13.21
N THR A 371 -12.85 -28.82 -13.93
CA THR A 371 -13.40 -28.43 -15.22
C THR A 371 -14.67 -27.62 -14.94
N LYS A 372 -15.05 -27.58 -13.67
CA LYS A 372 -16.22 -26.83 -13.23
C LYS A 372 -15.78 -25.57 -12.50
N THR A 373 -16.15 -24.40 -13.04
N THR A 373 -16.17 -24.41 -13.02
CA THR A 373 -15.86 -23.13 -12.39
CA THR A 373 -15.86 -23.13 -12.40
C THR A 373 -17.08 -22.72 -11.59
C THR A 373 -17.07 -22.67 -11.60
N PHE A 374 -16.87 -22.33 -10.33
CA PHE A 374 -17.99 -21.91 -9.49
C PHE A 374 -18.18 -20.40 -9.43
N GLY A 375 -17.18 -19.66 -9.90
CA GLY A 375 -17.24 -18.21 -9.92
C GLY A 375 -16.20 -17.53 -9.04
N LEU A 376 -16.34 -16.23 -8.84
CA LEU A 376 -15.45 -15.45 -7.98
C LEU A 376 -16.21 -15.06 -6.71
N PHE A 377 -15.49 -14.90 -5.60
CA PHE A 377 -16.06 -14.35 -4.37
C PHE A 377 -16.46 -12.90 -4.60
N GLY A 378 -17.58 -12.51 -4.01
CA GLY A 378 -18.09 -11.16 -4.14
C GLY A 378 -19.13 -10.91 -3.07
N ILE A 379 -20.00 -9.95 -3.35
CA ILE A 379 -21.11 -9.62 -2.46
C ILE A 379 -22.35 -9.55 -3.32
N GLY A 380 -23.38 -10.29 -2.93
CA GLY A 380 -24.58 -10.37 -3.76
C GLY A 380 -25.85 -10.15 -2.98
N LYS A 381 -26.91 -9.75 -3.70
CA LYS A 381 -28.22 -9.52 -3.09
C LYS A 381 -29.00 -10.82 -3.09
N PHE A 382 -29.48 -11.24 -1.92
CA PHE A 382 -30.25 -12.48 -1.79
C PHE A 382 -31.55 -12.21 -1.03
N VAL A 383 -32.49 -13.16 -1.07
CA VAL A 383 -33.78 -12.97 -0.39
C VAL A 383 -33.67 -13.22 1.11
N TYR A 393 -34.67 -8.63 1.67
CA TYR A 393 -33.41 -9.02 1.06
C TYR A 393 -32.18 -8.38 1.72
N ASP A 394 -31.02 -9.04 1.58
CA ASP A 394 -29.79 -8.54 2.18
C ASP A 394 -28.59 -8.88 1.30
N ASN A 395 -27.46 -8.25 1.59
CA ASN A 395 -26.24 -8.45 0.83
C ASN A 395 -25.34 -9.43 1.56
N TYR A 396 -24.89 -10.47 0.86
CA TYR A 396 -24.14 -11.56 1.48
C TYR A 396 -22.81 -11.81 0.78
N PHE A 397 -21.80 -12.18 1.57
CA PHE A 397 -20.54 -12.76 1.10
C PHE A 397 -20.92 -13.99 0.27
N CYS A 398 -20.60 -13.98 -1.02
CA CYS A 398 -21.07 -15.04 -1.90
C CYS A 398 -20.02 -15.40 -2.93
N ILE A 399 -20.29 -16.44 -3.70
CA ILE A 399 -19.53 -16.74 -4.92
C ILE A 399 -20.50 -16.62 -6.09
N SER A 400 -20.07 -16.00 -7.19
CA SER A 400 -20.96 -15.80 -8.33
C SER A 400 -20.28 -15.94 -9.69
N GLN A 401 -20.97 -16.60 -10.62
CA GLN A 401 -20.55 -16.66 -12.01
C GLN A 401 -20.69 -15.31 -12.73
N TRP A 402 -21.44 -14.38 -12.13
CA TRP A 402 -21.65 -13.06 -12.72
C TRP A 402 -20.32 -12.34 -12.95
N TYR A 403 -19.38 -12.56 -12.04
CA TYR A 403 -18.09 -11.89 -12.09
C TYR A 403 -17.15 -12.42 -13.19
N LEU A 404 -17.49 -13.56 -13.77
CA LEU A 404 -16.69 -14.13 -14.85
C LEU A 404 -17.27 -13.78 -16.22
N ARG A 405 -18.46 -13.18 -16.26
CA ARG A 405 -19.07 -12.81 -17.53
C ARG A 405 -18.28 -11.72 -18.27
N ARG A 406 -18.06 -11.97 -19.55
CA ARG A 406 -17.34 -11.03 -20.40
C ARG A 406 -18.38 -10.11 -21.01
N ILE A 407 -18.98 -9.28 -20.16
CA ILE A 407 -20.06 -8.38 -20.55
C ILE A 407 -19.61 -7.38 -21.62
N SER A 408 -18.40 -6.86 -21.45
CA SER A 408 -17.80 -5.97 -22.42
C SER A 408 -16.30 -5.99 -22.12
N GLU A 409 -15.49 -5.46 -23.04
CA GLU A 409 -14.05 -5.46 -22.85
C GLU A 409 -13.58 -4.64 -21.62
N ASN A 410 -14.37 -3.65 -21.20
CA ASN A 410 -14.00 -2.78 -20.06
C ASN A 410 -14.72 -3.16 -18.77
N ILE A 411 -15.40 -4.30 -18.78
CA ILE A 411 -16.22 -4.71 -17.64
C ILE A 411 -15.45 -4.65 -16.32
N ASN A 412 -14.17 -5.00 -16.35
CA ASN A 412 -13.41 -5.06 -15.11
C ASN A 412 -13.17 -3.69 -14.46
N LYS A 413 -13.41 -2.61 -15.20
CA LYS A 413 -13.25 -1.28 -14.62
C LYS A 413 -14.52 -0.83 -13.90
N LEU A 414 -15.63 -1.48 -14.22
CA LEU A 414 -16.97 -1.10 -13.75
C LEU A 414 -17.51 -2.00 -12.63
N ARG A 415 -17.13 -3.28 -12.67
CA ARG A 415 -17.66 -4.31 -11.78
C ARG A 415 -16.61 -4.67 -10.73
N LEU A 416 -16.69 -4.04 -9.57
CA LEU A 416 -15.59 -4.05 -8.61
C LEU A 416 -15.89 -4.89 -7.36
N GLY A 417 -17.11 -5.40 -7.26
CA GLY A 417 -17.50 -6.22 -6.10
C GLY A 417 -16.73 -7.52 -5.87
N CYS A 418 -15.98 -7.99 -6.86
CA CYS A 418 -15.17 -9.19 -6.69
C CYS A 418 -13.72 -8.84 -6.41
N ASN A 419 -13.45 -7.60 -6.07
CA ASN A 419 -12.06 -7.21 -5.79
C ASN A 419 -11.89 -6.99 -4.31
N TRP A 420 -10.92 -7.69 -3.72
CA TRP A 420 -10.73 -7.68 -2.28
C TRP A 420 -9.32 -7.25 -1.89
N GLN A 421 -9.19 -6.72 -0.68
CA GLN A 421 -7.88 -6.54 -0.07
C GLN A 421 -7.88 -7.10 1.33
N PHE A 422 -6.73 -7.60 1.75
CA PHE A 422 -6.56 -8.17 3.07
C PHE A 422 -5.84 -7.17 3.99
N ILE A 423 -6.41 -6.93 5.17
CA ILE A 423 -5.90 -5.91 6.09
C ILE A 423 -5.35 -6.53 7.38
N PRO A 424 -4.02 -6.58 7.52
CA PRO A 424 -3.43 -6.96 8.81
C PRO A 424 -3.38 -5.76 9.75
N VAL A 425 -3.43 -6.03 11.06
CA VAL A 425 -3.21 -4.98 12.06
C VAL A 425 -1.79 -4.46 11.90
N ASP A 426 -1.63 -3.15 11.76
CA ASP A 426 -0.32 -2.56 11.46
C ASP A 426 -0.08 -1.45 12.46
N GLU A 427 1.17 -1.27 12.89
CA GLU A 427 1.49 -0.24 13.89
C GLU A 427 1.18 1.17 13.41
N GLY A 428 1.19 1.39 12.10
CA GLY A 428 0.94 2.71 11.55
C GLY A 428 -0.54 3.03 11.42
N TRP A 429 -1.40 2.14 11.90
CA TRP A 429 -2.86 2.36 11.86
C TRP A 429 -3.50 1.78 13.13
N THR A 430 -3.86 2.63 14.08
CA THR A 430 -4.43 2.11 15.32
C THR A 430 -5.89 2.55 15.44
N GLU A 431 -6.70 1.71 16.09
CA GLU A 431 -8.13 1.98 16.23
C GLU A 431 -8.62 1.83 17.67
N LEU A 432 -9.60 2.66 18.03
CA LEU A 432 -10.27 2.54 19.32
C LEU A 432 -11.00 1.20 19.43
N GLN A 433 -11.07 0.67 20.66
CA GLN A 433 -11.76 -0.58 20.95
C GLN A 433 -11.01 -1.80 20.42
#